data_7BPY
#
_entry.id   7BPY
#
_cell.length_a   60.535
_cell.length_b   101.646
_cell.length_c   61.425
_cell.angle_alpha   90.000
_cell.angle_beta   101.820
_cell.angle_gamma   90.000
#
_symmetry.space_group_name_H-M   'P 1 21 1'
#
loop_
_entity.id
_entity.type
_entity.pdbx_description
1 polymer 'Peroxisome proliferator-activated receptor alpha'
2 polymer '15-meric peptide from Nuclear receptor coactivator 1'
3 non-polymer '2-(4-chloranylphenoxy)-2-methyl-propanoic acid'
4 water water
#
loop_
_entity_poly.entity_id
_entity_poly.type
_entity_poly.pdbx_seq_one_letter_code
_entity_poly.pdbx_strand_id
1 'polypeptide(L)'
;GSHMTADLKSLAKRIYEAYLKNFNMNKVKARVILSGKASNNPPFVIHDMETLCMAEKTLVAKLVANGIQNKEAEVRIFHC
CQCTSVETVTELTEFAKAIPGFANLDLNDQVTLLKYGVYEAIFAMLSSVMNKDGMLVAYGNGFITREFLKSLRKPFCDIM
EPKFDFAMKFNALELDDSDISLFVAAIICCGDRPGLLNVGHIEKMQEGIVHVLRLHLQSNHPDDIFLFPKLLQKMADLRQ
LVTEHAQLVQIIKKTESDAALHPLLQEIYRDMY
;
A,C
2 'polypeptide(L)' LTERHKILHRLLQEG B,D
#
# COMPACT_ATOMS: atom_id res chain seq x y z
N HIS A 3 -11.21 -10.35 -29.19
CA HIS A 3 -10.99 -9.46 -30.34
C HIS A 3 -11.22 -8.00 -29.96
N MET A 4 -10.76 -7.10 -30.83
CA MET A 4 -10.62 -5.68 -30.50
C MET A 4 -11.86 -4.89 -30.94
N THR A 5 -12.71 -4.57 -29.97
CA THR A 5 -13.92 -3.80 -30.22
C THR A 5 -13.61 -2.29 -30.28
N ALA A 6 -14.65 -1.52 -30.64
CA ALA A 6 -14.48 -0.10 -30.91
C ALA A 6 -14.00 0.66 -29.68
N ASP A 7 -14.61 0.40 -28.51
CA ASP A 7 -14.17 1.07 -27.31
C ASP A 7 -12.70 0.76 -27.00
N LEU A 8 -12.25 -0.47 -27.28
CA LEU A 8 -10.86 -0.83 -27.03
C LEU A 8 -9.91 -0.12 -28.02
N LYS A 9 -10.28 -0.08 -29.30
CA LYS A 9 -9.46 0.67 -30.26
C LYS A 9 -9.35 2.13 -29.85
N SER A 10 -10.43 2.70 -29.33
CA SER A 10 -10.43 4.10 -28.92
C SER A 10 -9.52 4.33 -27.71
N LEU A 11 -9.57 3.42 -26.72
CA LEU A 11 -8.66 3.52 -25.59
C LEU A 11 -7.21 3.50 -26.06
N ALA A 12 -6.88 2.57 -26.96
CA ALA A 12 -5.51 2.49 -27.48
C ALA A 12 -5.14 3.75 -28.25
N LYS A 13 -6.09 4.33 -28.99
CA LYS A 13 -5.77 5.51 -29.78
C LYS A 13 -5.50 6.71 -28.88
N ARG A 14 -6.31 6.93 -27.85
CA ARG A 14 -6.06 8.11 -27.03
C ARG A 14 -4.82 7.94 -26.16
N ILE A 15 -4.47 6.70 -25.78
CA ILE A 15 -3.20 6.50 -25.09
C ILE A 15 -2.03 6.78 -26.02
N TYR A 16 -2.11 6.29 -27.27
CA TYR A 16 -1.05 6.54 -28.23
C TYR A 16 -0.91 8.03 -28.52
N GLU A 17 -2.04 8.73 -28.68
CA GLU A 17 -1.99 10.17 -28.94
C GLU A 17 -1.45 10.94 -27.74
N ALA A 18 -1.89 10.59 -26.52
CA ALA A 18 -1.34 11.24 -25.33
C ALA A 18 0.17 11.06 -25.26
N TYR A 19 0.66 9.90 -25.71
CA TYR A 19 2.09 9.62 -25.66
C TYR A 19 2.85 10.46 -26.69
N LEU A 20 2.34 10.54 -27.92
CA LEU A 20 2.97 11.36 -28.95
C LEU A 20 2.90 12.84 -28.62
N LYS A 21 1.88 13.27 -27.90
CA LYS A 21 1.78 14.69 -27.54
C LYS A 21 2.78 15.05 -26.46
N ASN A 22 2.99 14.17 -25.48
CA ASN A 22 3.67 14.58 -24.26
C ASN A 22 5.16 14.26 -24.20
N PHE A 23 5.68 13.35 -25.03
CA PHE A 23 7.09 12.98 -24.96
C PHE A 23 7.82 13.55 -26.17
N ASN A 24 8.68 14.54 -25.93
CA ASN A 24 9.39 15.20 -27.02
C ASN A 24 10.21 14.19 -27.82
N MET A 25 10.88 13.28 -27.13
CA MET A 25 11.67 12.22 -27.76
C MET A 25 10.85 10.93 -27.70
N ASN A 26 10.79 10.22 -28.82
CA ASN A 26 10.12 8.94 -28.91
C ASN A 26 10.95 8.05 -29.81
N LYS A 27 10.49 6.81 -30.00
CA LYS A 27 11.37 5.81 -30.60
C LYS A 27 11.61 6.10 -32.08
N VAL A 28 10.58 6.51 -32.82
CA VAL A 28 10.78 6.74 -34.25
C VAL A 28 11.79 7.86 -34.45
N LYS A 29 11.69 8.94 -33.67
CA LYS A 29 12.67 10.03 -33.79
C LYS A 29 14.06 9.59 -33.36
N ALA A 30 14.15 8.80 -32.28
CA ALA A 30 15.46 8.38 -31.79
C ALA A 30 16.16 7.45 -32.77
N ARG A 31 15.42 6.51 -33.36
N ARG A 31 15.41 6.51 -33.37
CA ARG A 31 16.03 5.57 -34.31
CA ARG A 31 15.99 5.57 -34.32
C ARG A 31 16.49 6.28 -35.59
C ARG A 31 16.46 6.26 -35.59
N VAL A 32 15.77 7.32 -36.01
CA VAL A 32 16.23 8.10 -37.15
C VAL A 32 17.59 8.72 -36.85
N ILE A 33 17.75 9.27 -35.64
CA ILE A 33 19.03 9.87 -35.25
C ILE A 33 20.11 8.81 -35.14
N LEU A 34 19.80 7.70 -34.45
CA LEU A 34 20.82 6.68 -34.19
C LEU A 34 21.22 5.94 -35.46
N SER A 35 20.29 5.77 -36.41
CA SER A 35 20.66 5.16 -37.68
C SER A 35 21.37 6.14 -38.60
N GLY A 36 21.18 7.44 -38.40
CA GLY A 36 21.81 8.45 -39.24
C GLY A 36 21.41 8.36 -40.70
N LYS A 37 20.19 7.90 -40.98
CA LYS A 37 19.72 7.77 -42.35
C LYS A 37 18.97 8.99 -42.85
N ALA A 38 18.74 9.99 -41.99
CA ALA A 38 18.09 11.22 -42.37
C ALA A 38 19.02 12.42 -42.34
N SER A 39 20.31 12.22 -42.06
CA SER A 39 21.21 13.33 -41.81
C SER A 39 22.64 12.85 -41.65
N ASN A 40 23.57 13.51 -42.35
CA ASN A 40 24.99 13.25 -42.20
C ASN A 40 25.61 14.12 -41.10
N ASN A 41 24.78 14.72 -40.25
CA ASN A 41 25.25 15.55 -39.16
C ASN A 41 24.94 14.85 -37.84
N PRO A 42 25.79 13.93 -37.40
CA PRO A 42 25.46 13.10 -36.23
C PRO A 42 25.55 13.88 -34.94
N PRO A 43 24.99 13.35 -33.85
CA PRO A 43 25.10 14.04 -32.55
C PRO A 43 26.56 14.11 -32.13
N PHE A 44 26.88 15.12 -31.33
CA PHE A 44 28.21 15.21 -30.75
C PHE A 44 28.44 14.06 -29.78
N VAL A 45 29.55 13.35 -29.94
CA VAL A 45 29.82 12.16 -29.15
C VAL A 45 30.63 12.55 -27.91
N ILE A 46 30.12 12.16 -26.74
CA ILE A 46 30.83 12.37 -25.49
C ILE A 46 31.40 11.04 -25.05
N HIS A 47 32.72 10.86 -25.21
CA HIS A 47 33.35 9.57 -25.00
C HIS A 47 34.53 9.64 -24.04
N ASP A 48 34.88 10.82 -23.53
CA ASP A 48 35.97 10.95 -22.56
C ASP A 48 35.84 12.32 -21.90
N MET A 49 36.78 12.62 -21.00
CA MET A 49 36.69 13.86 -20.23
C MET A 49 36.80 15.09 -21.12
N GLU A 50 37.62 15.01 -22.17
CA GLU A 50 37.80 16.19 -23.00
C GLU A 50 36.55 16.54 -23.79
N THR A 51 35.88 15.53 -24.38
CA THR A 51 34.65 15.81 -25.10
C THR A 51 33.51 16.19 -24.14
N LEU A 52 33.48 15.61 -22.94
CA LEU A 52 32.53 16.08 -21.94
C LEU A 52 32.70 17.57 -21.69
N CYS A 53 33.94 18.01 -21.50
CA CYS A 53 34.17 19.42 -21.20
C CYS A 53 33.87 20.30 -22.41
N MET A 54 34.09 19.79 -23.63
CA MET A 54 33.65 20.53 -24.80
C MET A 54 32.14 20.68 -24.81
N ALA A 55 31.42 19.57 -24.57
CA ALA A 55 29.96 19.64 -24.53
C ALA A 55 29.49 20.61 -23.46
N GLU A 56 30.20 20.67 -22.34
CA GLU A 56 29.79 21.54 -21.24
C GLU A 56 30.03 23.02 -21.53
N LYS A 57 30.96 23.35 -22.43
CA LYS A 57 31.08 24.75 -22.85
C LYS A 57 29.77 25.26 -23.45
N THR A 58 28.99 24.36 -24.05
CA THR A 58 27.68 24.73 -24.57
C THR A 58 26.67 24.92 -23.45
N LEU A 59 26.72 24.06 -22.44
CA LEU A 59 25.77 24.08 -21.32
C LEU A 59 26.17 25.07 -20.23
N VAL A 60 27.15 25.95 -20.49
CA VAL A 60 27.77 26.73 -19.41
C VAL A 60 26.72 27.52 -18.62
N ALA A 61 25.84 28.25 -19.34
CA ALA A 61 24.90 29.12 -18.65
C ALA A 61 23.94 28.31 -17.77
N LYS A 62 23.54 27.13 -18.22
CA LYS A 62 22.71 26.25 -17.39
C LYS A 62 23.49 25.74 -16.19
N LEU A 63 24.72 25.25 -16.43
CA LEU A 63 25.53 24.75 -15.32
C LEU A 63 25.79 25.84 -14.29
N VAL A 64 26.17 27.03 -14.75
CA VAL A 64 26.35 28.15 -13.84
C VAL A 64 25.03 28.61 -13.24
N ALA A 65 23.90 28.28 -13.87
CA ALA A 65 22.60 28.56 -13.26
C ALA A 65 22.50 27.93 -11.87
N ASN A 66 22.78 26.63 -11.79
CA ASN A 66 22.93 25.97 -10.49
C ASN A 66 24.38 26.14 -10.02
N GLY A 67 24.72 25.53 -8.90
CA GLY A 67 26.10 25.55 -8.45
C GLY A 67 26.82 24.30 -8.89
N ILE A 68 26.88 24.07 -10.20
CA ILE A 68 27.32 22.79 -10.73
C ILE A 68 28.62 22.89 -11.53
N GLN A 69 28.96 24.06 -12.08
CA GLN A 69 30.03 24.12 -13.07
C GLN A 69 31.36 23.65 -12.50
N ASN A 70 31.56 23.76 -11.19
CA ASN A 70 32.83 23.43 -10.57
C ASN A 70 32.81 22.12 -9.81
N LYS A 71 31.72 21.36 -9.88
CA LYS A 71 31.71 20.05 -9.24
C LYS A 71 32.48 19.05 -10.09
N GLU A 72 32.85 17.95 -9.44
CA GLU A 72 33.43 16.79 -10.11
C GLU A 72 32.62 16.42 -11.35
N ALA A 73 33.32 15.86 -12.35
CA ALA A 73 32.67 15.50 -13.62
C ALA A 73 31.52 14.52 -13.39
N GLU A 74 31.73 13.51 -12.53
CA GLU A 74 30.66 12.57 -12.21
C GLU A 74 29.41 13.29 -11.73
N VAL A 75 29.60 14.31 -10.87
CA VAL A 75 28.47 15.04 -10.32
C VAL A 75 27.82 15.93 -11.38
N ARG A 76 28.63 16.48 -12.30
CA ARG A 76 28.06 17.30 -13.36
C ARG A 76 27.24 16.45 -14.32
N ILE A 77 27.74 15.27 -14.65
CA ILE A 77 27.05 14.37 -15.58
C ILE A 77 25.66 14.02 -15.04
N PHE A 78 25.61 13.55 -13.81
CA PHE A 78 24.34 13.10 -13.29
C PHE A 78 23.48 14.24 -12.75
N HIS A 79 24.00 15.47 -12.69
CA HIS A 79 23.09 16.61 -12.57
C HIS A 79 22.29 16.78 -13.84
N CYS A 80 22.94 16.67 -15.00
CA CYS A 80 22.22 16.79 -16.26
C CYS A 80 21.27 15.62 -16.46
N CYS A 81 21.67 14.41 -16.06
CA CYS A 81 20.74 13.28 -16.15
C CYS A 81 19.52 13.51 -15.26
N GLN A 82 19.71 14.08 -14.07
CA GLN A 82 18.56 14.41 -13.22
C GLN A 82 17.61 15.39 -13.90
N CYS A 83 18.15 16.46 -14.50
CA CYS A 83 17.28 17.41 -15.19
C CYS A 83 16.43 16.70 -16.24
N THR A 84 17.03 15.78 -16.99
CA THR A 84 16.28 14.97 -17.95
C THR A 84 15.18 14.18 -17.23
N SER A 85 15.52 13.53 -16.12
CA SER A 85 14.51 12.79 -15.35
C SER A 85 13.37 13.70 -14.91
N VAL A 86 13.69 14.90 -14.41
CA VAL A 86 12.65 15.82 -13.98
C VAL A 86 11.70 16.12 -15.13
N GLU A 87 12.26 16.41 -16.32
CA GLU A 87 11.42 16.67 -17.49
C GLU A 87 10.52 15.48 -17.81
N THR A 88 11.09 14.28 -17.80
CA THR A 88 10.30 13.08 -18.13
C THR A 88 9.21 12.83 -17.09
N VAL A 89 9.50 13.06 -15.81
CA VAL A 89 8.45 12.94 -14.78
C VAL A 89 7.32 13.91 -15.07
N THR A 90 7.66 15.14 -15.47
CA THR A 90 6.65 16.14 -15.82
C THR A 90 5.82 15.70 -17.02
N GLU A 91 6.47 15.12 -18.03
CA GLU A 91 5.72 14.65 -19.19
C GLU A 91 4.87 13.43 -18.82
N LEU A 92 5.42 12.53 -18.00
CA LEU A 92 4.69 11.33 -17.58
C LEU A 92 3.46 11.71 -16.76
N THR A 93 3.57 12.76 -15.94
CA THR A 93 2.42 13.22 -15.19
C THR A 93 1.31 13.70 -16.12
N GLU A 94 1.66 14.47 -17.16
CA GLU A 94 0.65 14.87 -18.14
C GLU A 94 0.09 13.67 -18.87
N PHE A 95 0.97 12.73 -19.25
CA PHE A 95 0.54 11.51 -19.92
C PHE A 95 -0.46 10.74 -19.06
N ALA A 96 -0.15 10.56 -17.77
CA ALA A 96 -1.05 9.82 -16.91
C ALA A 96 -2.43 10.48 -16.83
N LYS A 97 -2.47 11.80 -16.67
CA LYS A 97 -3.75 12.48 -16.52
C LYS A 97 -4.64 12.32 -17.75
N ALA A 98 -4.06 11.99 -18.90
CA ALA A 98 -4.82 11.71 -20.11
C ALA A 98 -5.29 10.27 -20.22
N ILE A 99 -4.82 9.37 -19.35
CA ILE A 99 -5.28 7.97 -19.36
C ILE A 99 -6.68 7.90 -18.80
N PRO A 100 -7.66 7.39 -19.55
CA PRO A 100 -9.04 7.35 -19.04
C PRO A 100 -9.11 6.64 -17.69
N GLY A 101 -9.66 7.35 -16.69
CA GLY A 101 -9.80 6.84 -15.35
C GLY A 101 -8.74 7.28 -14.37
N PHE A 102 -7.56 7.72 -14.85
CA PHE A 102 -6.51 8.10 -13.91
C PHE A 102 -6.90 9.34 -13.12
N ALA A 103 -7.39 10.37 -13.81
CA ALA A 103 -7.74 11.62 -13.15
C ALA A 103 -8.94 11.46 -12.22
N ASN A 104 -9.74 10.40 -12.38
CA ASN A 104 -10.87 10.17 -11.47
C ASN A 104 -10.43 9.66 -10.10
N LEU A 105 -9.22 9.13 -10.00
CA LEU A 105 -8.75 8.53 -8.77
C LEU A 105 -8.55 9.59 -7.69
N ASP A 106 -8.64 9.16 -6.45
CA ASP A 106 -8.22 10.00 -5.33
C ASP A 106 -6.83 10.57 -5.61
N LEU A 107 -6.63 11.85 -5.27
CA LEU A 107 -5.33 12.47 -5.52
C LEU A 107 -4.19 11.70 -4.85
N ASN A 108 -4.46 11.13 -3.67
CA ASN A 108 -3.45 10.32 -3.01
C ASN A 108 -3.03 9.15 -3.87
N ASP A 109 -3.99 8.51 -4.54
CA ASP A 109 -3.67 7.36 -5.38
C ASP A 109 -2.94 7.80 -6.66
N GLN A 110 -3.28 8.97 -7.21
CA GLN A 110 -2.55 9.48 -8.37
C GLN A 110 -1.09 9.71 -8.01
N VAL A 111 -0.82 10.24 -6.81
CA VAL A 111 0.55 10.47 -6.39
C VAL A 111 1.28 9.14 -6.24
N THR A 112 0.64 8.17 -5.59
CA THR A 112 1.27 6.88 -5.36
C THR A 112 1.61 6.19 -6.67
N LEU A 113 0.67 6.17 -7.61
CA LEU A 113 0.91 5.54 -8.90
C LEU A 113 2.12 6.16 -9.59
N LEU A 114 2.20 7.49 -9.59
CA LEU A 114 3.31 8.16 -10.25
C LEU A 114 4.61 7.99 -9.45
N LYS A 115 4.53 8.07 -8.13
CA LYS A 115 5.71 7.92 -7.29
C LYS A 115 6.45 6.62 -7.61
N TYR A 116 5.71 5.51 -7.66
CA TYR A 116 6.30 4.20 -7.91
C TYR A 116 6.39 3.86 -9.39
N GLY A 117 5.62 4.52 -10.24
CA GLY A 117 5.63 4.20 -11.65
C GLY A 117 6.66 4.93 -12.51
N VAL A 118 6.99 6.18 -12.19
CA VAL A 118 7.66 7.01 -13.20
C VAL A 118 9.01 6.44 -13.60
N TYR A 119 9.76 5.88 -12.64
CA TYR A 119 11.09 5.41 -12.99
C TYR A 119 11.05 4.07 -13.71
N GLU A 120 10.04 3.23 -13.45
CA GLU A 120 9.84 2.07 -14.31
C GLU A 120 9.54 2.52 -15.74
N ALA A 121 8.66 3.52 -15.90
CA ALA A 121 8.40 4.06 -17.23
C ALA A 121 9.66 4.72 -17.81
N ILE A 122 10.41 5.45 -16.98
CA ILE A 122 11.59 6.17 -17.48
C ILE A 122 12.59 5.21 -18.07
N PHE A 123 12.91 4.13 -17.35
CA PHE A 123 13.89 3.17 -17.83
C PHE A 123 13.38 2.35 -18.99
N ALA A 124 12.06 2.12 -19.09
CA ALA A 124 11.54 1.47 -20.28
C ALA A 124 11.72 2.34 -21.52
N MET A 125 11.37 3.63 -21.40
CA MET A 125 11.47 4.53 -22.54
C MET A 125 12.91 4.92 -22.82
N LEU A 126 13.77 4.91 -21.81
CA LEU A 126 15.20 5.16 -22.03
C LEU A 126 15.78 4.22 -23.08
N SER A 127 15.27 2.98 -23.13
CA SER A 127 15.77 2.03 -24.13
C SER A 127 15.66 2.60 -25.54
N SER A 128 14.63 3.41 -25.80
CA SER A 128 14.43 3.97 -27.13
C SER A 128 15.63 4.78 -27.60
N VAL A 129 16.30 5.48 -26.69
CA VAL A 129 17.42 6.34 -27.06
C VAL A 129 18.76 5.67 -26.81
N MET A 130 18.78 4.36 -26.53
CA MET A 130 20.03 3.63 -26.30
C MET A 130 20.31 2.64 -27.41
N ASN A 131 21.60 2.43 -27.69
CA ASN A 131 22.06 1.25 -28.41
C ASN A 131 23.22 0.65 -27.63
N LYS A 132 23.85 -0.39 -28.18
CA LYS A 132 24.88 -1.09 -27.41
C LYS A 132 26.04 -0.20 -27.01
N ASP A 133 26.22 0.95 -27.68
CA ASP A 133 27.41 1.78 -27.47
C ASP A 133 27.15 3.07 -26.71
N GLY A 134 25.90 3.46 -26.49
CA GLY A 134 25.67 4.68 -25.75
C GLY A 134 24.21 5.10 -25.83
N MET A 135 23.96 6.33 -25.40
CA MET A 135 22.61 6.86 -25.31
C MET A 135 22.56 8.30 -25.76
N LEU A 136 21.46 8.68 -26.43
CA LEU A 136 21.23 10.06 -26.83
C LEU A 136 20.96 10.93 -25.62
N VAL A 137 21.55 12.13 -25.61
CA VAL A 137 21.34 13.14 -24.57
C VAL A 137 21.00 14.46 -25.25
N ALA A 138 20.57 15.42 -24.42
CA ALA A 138 20.32 16.78 -24.86
C ALA A 138 19.41 16.79 -26.09
N TYR A 139 18.24 16.14 -25.93
CA TYR A 139 17.20 16.16 -26.94
C TYR A 139 17.70 15.61 -28.27
N GLY A 140 18.56 14.59 -28.19
CA GLY A 140 19.06 13.93 -29.38
C GLY A 140 20.27 14.57 -30.03
N ASN A 141 20.79 15.65 -29.46
CA ASN A 141 21.95 16.37 -30.01
C ASN A 141 23.28 15.80 -29.54
N GLY A 142 23.29 15.06 -28.45
CA GLY A 142 24.52 14.46 -27.95
C GLY A 142 24.36 12.97 -27.82
N PHE A 143 25.48 12.25 -27.79
CA PHE A 143 25.50 10.81 -27.64
C PHE A 143 26.62 10.50 -26.66
N ILE A 144 26.27 10.03 -25.46
CA ILE A 144 27.28 9.74 -24.44
C ILE A 144 27.53 8.24 -24.43
N THR A 145 28.80 7.85 -24.50
CA THR A 145 29.12 6.45 -24.74
C THR A 145 29.00 5.61 -23.48
N ARG A 146 28.58 4.37 -23.68
CA ARG A 146 28.48 3.40 -22.58
C ARG A 146 29.83 3.25 -21.88
N GLU A 147 30.92 3.16 -22.65
CA GLU A 147 32.23 2.93 -22.05
C GLU A 147 32.68 4.11 -21.20
N PHE A 148 32.36 5.34 -21.62
CA PHE A 148 32.70 6.49 -20.79
C PHE A 148 31.96 6.44 -19.45
N LEU A 149 30.68 6.06 -19.46
CA LEU A 149 29.94 5.94 -18.21
C LEU A 149 30.52 4.84 -17.32
N LYS A 150 30.92 3.71 -17.91
CA LYS A 150 31.60 2.66 -17.14
C LYS A 150 32.95 3.12 -16.61
N SER A 151 33.57 4.12 -17.24
CA SER A 151 34.91 4.56 -16.85
C SER A 151 34.89 5.52 -15.68
N LEU A 152 33.75 6.11 -15.36
CA LEU A 152 33.66 7.00 -14.20
C LEU A 152 34.04 6.24 -12.93
N ARG A 153 34.26 6.99 -11.86
CA ARG A 153 34.60 6.35 -10.60
C ARG A 153 33.37 5.82 -9.89
N LYS A 154 33.58 4.82 -9.04
CA LYS A 154 32.49 4.34 -8.22
C LYS A 154 31.99 5.46 -7.32
N PRO A 155 30.68 5.50 -7.04
CA PRO A 155 29.71 4.53 -7.56
C PRO A 155 29.00 5.02 -8.84
N PHE A 156 29.40 6.18 -9.35
CA PHE A 156 28.72 6.76 -10.51
C PHE A 156 28.82 5.87 -11.75
N CYS A 157 29.85 5.02 -11.84
CA CYS A 157 29.95 4.12 -12.98
C CYS A 157 28.95 2.99 -12.93
N ASP A 158 28.31 2.73 -11.79
CA ASP A 158 27.36 1.65 -11.64
C ASP A 158 25.92 2.08 -11.90
N ILE A 159 25.66 3.36 -12.18
CA ILE A 159 24.28 3.83 -12.28
C ILE A 159 23.64 3.33 -13.58
N MET A 160 24.29 3.62 -14.72
CA MET A 160 23.66 3.44 -16.03
C MET A 160 23.82 2.04 -16.61
N GLU A 161 24.93 1.35 -16.34
CA GLU A 161 25.17 0.08 -17.01
C GLU A 161 24.02 -0.93 -16.86
N PRO A 162 23.35 -1.06 -15.72
CA PRO A 162 22.19 -1.96 -15.66
C PRO A 162 21.03 -1.49 -16.52
N LYS A 163 20.92 -0.19 -16.78
CA LYS A 163 19.88 0.31 -17.68
C LYS A 163 20.19 -0.05 -19.13
N PHE A 164 21.46 0.09 -19.54
CA PHE A 164 21.86 -0.45 -20.84
C PHE A 164 21.56 -1.93 -20.94
N ASP A 165 21.87 -2.70 -19.89
CA ASP A 165 21.62 -4.14 -19.93
C ASP A 165 20.13 -4.42 -20.15
N PHE A 166 19.26 -3.76 -19.40
CA PHE A 166 17.82 -3.91 -19.64
C PHE A 166 17.47 -3.49 -21.06
N ALA A 167 18.01 -2.35 -21.51
CA ALA A 167 17.60 -1.78 -22.79
C ALA A 167 17.95 -2.70 -23.96
N MET A 168 19.13 -3.32 -23.94
CA MET A 168 19.49 -4.19 -25.06
C MET A 168 18.49 -5.35 -25.20
N LYS A 169 18.11 -5.98 -24.09
CA LYS A 169 17.10 -7.03 -24.16
C LYS A 169 15.72 -6.47 -24.53
N PHE A 170 15.35 -5.32 -23.94
CA PHE A 170 14.05 -4.73 -24.30
C PHE A 170 14.00 -4.37 -25.78
N ASN A 171 15.05 -3.74 -26.30
CA ASN A 171 15.08 -3.36 -27.71
C ASN A 171 15.01 -4.56 -28.65
N ALA A 172 15.44 -5.74 -28.19
CA ALA A 172 15.36 -6.92 -29.04
C ALA A 172 13.92 -7.33 -29.33
N LEU A 173 12.96 -6.82 -28.56
CA LEU A 173 11.55 -7.08 -28.81
C LEU A 173 10.99 -6.29 -30.00
N GLU A 174 11.70 -5.25 -30.46
CA GLU A 174 11.29 -4.48 -31.64
C GLU A 174 9.93 -3.81 -31.45
N LEU A 175 9.66 -3.33 -30.24
CA LEU A 175 8.44 -2.54 -30.01
C LEU A 175 8.50 -1.23 -30.77
N ASP A 176 7.34 -0.75 -31.20
CA ASP A 176 7.22 0.60 -31.74
C ASP A 176 6.50 1.48 -30.71
N ASP A 177 6.35 2.76 -31.07
CA ASP A 177 5.75 3.72 -30.14
C ASP A 177 4.33 3.33 -29.74
N SER A 178 3.56 2.70 -30.65
CA SER A 178 2.19 2.31 -30.29
C SER A 178 2.19 1.24 -29.20
N ASP A 179 3.13 0.28 -29.27
CA ASP A 179 3.28 -0.71 -28.19
C ASP A 179 3.73 -0.05 -26.90
N ILE A 180 4.70 0.86 -26.99
CA ILE A 180 5.33 1.41 -25.80
C ILE A 180 4.35 2.27 -25.02
N SER A 181 3.50 3.03 -25.72
CA SER A 181 2.53 3.87 -25.02
C SER A 181 1.63 3.04 -24.13
N LEU A 182 1.12 1.92 -24.66
CA LEU A 182 0.29 1.05 -23.85
C LEU A 182 1.08 0.40 -22.72
N PHE A 183 2.33 0.01 -23.01
CA PHE A 183 3.17 -0.58 -21.98
C PHE A 183 3.38 0.41 -20.84
N VAL A 184 3.73 1.65 -21.18
CA VAL A 184 3.96 2.68 -20.17
C VAL A 184 2.67 2.97 -19.39
N ALA A 185 1.53 2.97 -20.09
CA ALA A 185 0.25 3.17 -19.39
C ALA A 185 -0.04 2.02 -18.44
N ALA A 186 0.32 0.79 -18.82
CA ALA A 186 0.15 -0.34 -17.90
C ALA A 186 1.05 -0.18 -16.68
N ILE A 187 2.29 0.27 -16.88
CA ILE A 187 3.21 0.50 -15.77
C ILE A 187 2.61 1.48 -14.76
N ILE A 188 2.06 2.59 -15.26
CA ILE A 188 1.55 3.62 -14.35
C ILE A 188 0.33 3.11 -13.59
N CYS A 189 -0.58 2.42 -14.28
CA CYS A 189 -1.86 2.02 -13.68
C CYS A 189 -1.75 0.65 -13.02
N CYS A 190 -0.81 0.57 -12.09
CA CYS A 190 -0.43 -0.68 -11.43
C CYS A 190 -1.12 -0.78 -10.09
N GLY A 191 -1.91 -1.83 -9.90
CA GLY A 191 -2.66 -2.01 -8.66
C GLY A 191 -1.82 -2.47 -7.47
N ASP A 192 -0.54 -2.77 -7.68
CA ASP A 192 0.35 -3.36 -6.67
C ASP A 192 0.98 -2.34 -5.71
N ARG A 193 0.94 -1.05 -6.05
CA ARG A 193 1.87 -0.12 -5.40
C ARG A 193 1.60 -0.03 -3.90
N PRO A 194 2.65 0.12 -3.09
CA PRO A 194 2.46 0.27 -1.64
C PRO A 194 1.61 1.48 -1.33
N GLY A 195 0.65 1.31 -0.43
CA GLY A 195 -0.12 2.41 0.09
C GLY A 195 -1.34 2.83 -0.73
N LEU A 196 -1.63 2.14 -1.83
CA LEU A 196 -2.80 2.50 -2.61
C LEU A 196 -4.08 2.26 -1.81
N LEU A 197 -5.04 3.17 -1.97
CA LEU A 197 -6.30 3.12 -1.23
C LEU A 197 -7.37 2.33 -1.98
N ASN A 198 -7.74 2.78 -3.18
CA ASN A 198 -8.80 2.14 -3.96
C ASN A 198 -8.20 1.10 -4.91
N VAL A 199 -7.75 -0.01 -4.32
CA VAL A 199 -7.05 -1.03 -5.08
C VAL A 199 -7.98 -1.74 -6.05
N GLY A 200 -9.20 -2.04 -5.61
CA GLY A 200 -10.17 -2.66 -6.51
C GLY A 200 -10.38 -1.85 -7.78
N HIS A 201 -10.56 -0.54 -7.65
N HIS A 201 -10.66 -0.55 -7.63
CA HIS A 201 -10.85 0.28 -8.82
CA HIS A 201 -10.82 0.33 -8.78
C HIS A 201 -9.62 0.47 -9.71
C HIS A 201 -9.59 0.25 -9.69
N ILE A 202 -8.42 0.52 -9.12
CA ILE A 202 -7.21 0.63 -9.94
C ILE A 202 -6.94 -0.69 -10.65
N GLU A 203 -7.09 -1.81 -9.95
CA GLU A 203 -6.93 -3.11 -10.59
C GLU A 203 -7.86 -3.23 -11.78
N LYS A 204 -9.11 -2.77 -11.64
CA LYS A 204 -10.04 -2.73 -12.76
C LYS A 204 -9.47 -1.93 -13.91
N MET A 205 -9.01 -0.72 -13.64
CA MET A 205 -8.45 0.13 -14.67
C MET A 205 -7.25 -0.54 -15.35
N GLN A 206 -6.36 -1.14 -14.56
CA GLN A 206 -5.19 -1.81 -15.12
C GLN A 206 -5.60 -2.96 -16.03
N GLU A 207 -6.62 -3.73 -15.62
CA GLU A 207 -7.08 -4.87 -16.41
C GLU A 207 -7.47 -4.45 -17.82
N GLY A 208 -8.23 -3.35 -17.95
CA GLY A 208 -8.62 -2.90 -19.27
C GLY A 208 -7.45 -2.48 -20.14
N ILE A 209 -6.49 -1.77 -19.56
CA ILE A 209 -5.31 -1.34 -20.31
C ILE A 209 -4.47 -2.54 -20.72
N VAL A 210 -4.20 -3.45 -19.78
CA VAL A 210 -3.43 -4.64 -20.07
C VAL A 210 -4.15 -5.53 -21.09
N HIS A 211 -5.48 -5.55 -21.05
CA HIS A 211 -6.24 -6.27 -22.07
C HIS A 211 -6.03 -5.66 -23.46
N VAL A 212 -6.08 -4.34 -23.55
CA VAL A 212 -5.82 -3.67 -24.83
C VAL A 212 -4.39 -3.91 -25.28
N LEU A 213 -3.44 -3.83 -24.34
CA LEU A 213 -2.05 -4.15 -24.66
C LEU A 213 -1.95 -5.52 -25.31
N ARG A 214 -2.60 -6.52 -24.72
CA ARG A 214 -2.48 -7.89 -25.25
C ARG A 214 -3.04 -8.00 -26.65
N LEU A 215 -4.25 -7.47 -26.87
CA LEU A 215 -4.86 -7.56 -28.21
C LEU A 215 -4.07 -6.74 -29.21
N HIS A 216 -3.57 -5.58 -28.79
CA HIS A 216 -2.77 -4.75 -29.70
C HIS A 216 -1.51 -5.47 -30.12
N LEU A 217 -0.83 -6.12 -29.17
CA LEU A 217 0.41 -6.84 -29.48
C LEU A 217 0.14 -8.00 -30.42
N GLN A 218 -0.94 -8.75 -30.19
CA GLN A 218 -1.25 -9.89 -31.04
C GLN A 218 -1.52 -9.44 -32.47
N SER A 219 -2.11 -8.26 -32.64
CA SER A 219 -2.36 -7.73 -33.97
C SER A 219 -1.11 -7.09 -34.58
N ASN A 220 -0.31 -6.39 -33.77
CA ASN A 220 0.81 -5.64 -34.31
C ASN A 220 2.05 -6.51 -34.49
N HIS A 221 2.17 -7.58 -33.71
CA HIS A 221 3.32 -8.49 -33.79
C HIS A 221 2.80 -9.92 -33.81
N PRO A 222 2.06 -10.30 -34.87
CA PRO A 222 1.35 -11.59 -34.84
C PRO A 222 2.29 -12.79 -34.73
N ASP A 223 3.49 -12.73 -35.30
CA ASP A 223 4.41 -13.86 -35.25
C ASP A 223 5.03 -14.04 -33.86
N ASP A 224 5.14 -12.97 -33.07
CA ASP A 224 5.77 -13.06 -31.74
C ASP A 224 4.69 -13.45 -30.73
N ILE A 225 4.41 -14.75 -30.70
CA ILE A 225 3.18 -15.26 -30.07
C ILE A 225 3.13 -14.93 -28.58
N PHE A 226 4.26 -15.04 -27.89
CA PHE A 226 4.33 -14.77 -26.46
C PHE A 226 4.92 -13.40 -26.14
N LEU A 227 4.75 -12.42 -27.04
CA LEU A 227 5.26 -11.09 -26.76
C LEU A 227 4.61 -10.48 -25.51
N PHE A 228 3.30 -10.69 -25.34
CA PHE A 228 2.65 -10.20 -24.12
C PHE A 228 3.24 -10.83 -22.86
N PRO A 229 3.37 -12.15 -22.75
CA PRO A 229 4.09 -12.71 -21.60
C PRO A 229 5.49 -12.12 -21.43
N LYS A 230 6.22 -11.92 -22.52
CA LYS A 230 7.56 -11.34 -22.40
C LYS A 230 7.49 -9.95 -21.77
N LEU A 231 6.48 -9.16 -22.14
CA LEU A 231 6.36 -7.82 -21.58
C LEU A 231 5.91 -7.86 -20.13
N LEU A 232 5.05 -8.81 -19.77
CA LEU A 232 4.74 -8.98 -18.35
C LEU A 232 6.01 -9.22 -17.55
N GLN A 233 6.91 -10.04 -18.07
CA GLN A 233 8.18 -10.28 -17.40
C GLN A 233 9.04 -9.02 -17.37
N LYS A 234 9.05 -8.24 -18.47
CA LYS A 234 9.79 -6.98 -18.46
C LYS A 234 9.25 -6.01 -17.40
N MET A 235 7.94 -6.07 -17.13
CA MET A 235 7.40 -5.24 -16.04
C MET A 235 7.95 -5.66 -14.69
N ALA A 236 8.01 -6.97 -14.42
CA ALA A 236 8.67 -7.43 -13.21
C ALA A 236 10.15 -7.03 -13.19
N ASP A 237 10.85 -7.19 -14.31
CA ASP A 237 12.27 -6.80 -14.34
C ASP A 237 12.44 -5.31 -14.03
N LEU A 238 11.51 -4.46 -14.50
CA LEU A 238 11.64 -3.03 -14.26
C LEU A 238 11.45 -2.70 -12.78
N ARG A 239 10.49 -3.36 -12.12
CA ARG A 239 10.33 -3.11 -10.69
C ARG A 239 11.61 -3.43 -9.94
N GLN A 240 12.26 -4.54 -10.29
CA GLN A 240 13.53 -4.88 -9.64
C GLN A 240 14.64 -3.91 -10.05
N LEU A 241 14.69 -3.55 -11.34
CA LEU A 241 15.66 -2.53 -11.77
C LEU A 241 15.50 -1.26 -10.95
N VAL A 242 14.25 -0.81 -10.74
CA VAL A 242 14.02 0.43 -10.04
C VAL A 242 14.30 0.29 -8.54
N THR A 243 13.96 -0.86 -7.96
CA THR A 243 14.28 -1.07 -6.54
C THR A 243 15.79 -0.92 -6.32
N GLU A 244 16.59 -1.55 -7.17
CA GLU A 244 18.05 -1.46 -7.03
C GLU A 244 18.55 -0.05 -7.31
N HIS A 245 17.95 0.63 -8.29
CA HIS A 245 18.35 2.01 -8.56
C HIS A 245 18.12 2.90 -7.35
N ALA A 246 16.94 2.74 -6.71
CA ALA A 246 16.64 3.51 -5.50
C ALA A 246 17.66 3.24 -4.40
N GLN A 247 18.05 1.98 -4.24
CA GLN A 247 19.07 1.65 -3.25
C GLN A 247 20.38 2.36 -3.57
N LEU A 248 20.78 2.36 -4.85
CA LEU A 248 22.00 3.07 -5.21
C LEU A 248 21.87 4.57 -4.97
N VAL A 249 20.71 5.14 -5.28
CA VAL A 249 20.50 6.57 -5.02
C VAL A 249 20.63 6.86 -3.53
N GLN A 250 20.12 5.97 -2.69
CA GLN A 250 20.27 6.16 -1.25
C GLN A 250 21.74 6.12 -0.83
N ILE A 251 22.49 5.17 -1.37
CA ILE A 251 23.91 5.07 -1.04
C ILE A 251 24.66 6.33 -1.47
N ILE A 252 24.37 6.83 -2.67
CA ILE A 252 25.03 8.04 -3.15
C ILE A 252 24.64 9.23 -2.28
N LYS A 253 23.38 9.30 -1.87
CA LYS A 253 22.88 10.41 -1.06
C LYS A 253 23.51 10.42 0.33
N LYS A 254 24.06 9.30 0.80
CA LYS A 254 24.66 9.25 2.12
C LYS A 254 26.18 9.45 2.07
N THR A 255 26.83 8.93 1.03
CA THR A 255 28.28 8.91 0.96
C THR A 255 28.86 9.97 0.03
N GLU A 256 28.03 10.78 -0.61
CA GLU A 256 28.50 11.77 -1.60
C GLU A 256 27.98 13.14 -1.17
N SER A 257 28.86 13.93 -0.54
CA SER A 257 28.44 15.23 -0.01
C SER A 257 27.95 16.17 -1.10
N ASP A 258 28.46 16.03 -2.32
CA ASP A 258 28.27 17.03 -3.38
C ASP A 258 27.18 16.69 -4.39
N ALA A 259 26.47 15.57 -4.20
CA ALA A 259 25.51 15.09 -5.19
C ALA A 259 24.10 15.35 -4.68
N ALA A 260 23.65 16.59 -4.81
CA ALA A 260 22.31 16.95 -4.35
C ALA A 260 21.25 16.35 -5.26
N LEU A 261 20.08 16.13 -4.68
CA LEU A 261 18.94 15.57 -5.39
C LEU A 261 17.93 16.66 -5.69
N HIS A 262 17.57 16.81 -6.95
CA HIS A 262 16.52 17.75 -7.32
C HIS A 262 15.31 17.54 -6.42
N PRO A 263 14.62 18.61 -5.99
CA PRO A 263 13.51 18.44 -5.04
C PRO A 263 12.41 17.50 -5.52
N LEU A 264 12.03 17.57 -6.80
CA LEU A 264 10.99 16.68 -7.30
C LEU A 264 11.40 15.22 -7.21
N LEU A 265 12.64 14.90 -7.59
CA LEU A 265 13.12 13.53 -7.45
C LEU A 265 13.29 13.16 -5.99
N GLN A 266 13.65 14.13 -5.15
CA GLN A 266 13.77 13.88 -3.72
C GLN A 266 12.46 13.37 -3.13
N GLU A 267 11.34 13.98 -3.51
CA GLU A 267 10.07 13.51 -2.97
C GLU A 267 9.62 12.20 -3.60
N ILE A 268 10.08 11.90 -4.82
CA ILE A 268 9.80 10.59 -5.41
C ILE A 268 10.54 9.50 -4.66
N TYR A 269 11.84 9.72 -4.38
CA TYR A 269 12.64 8.68 -3.73
C TYR A 269 12.33 8.53 -2.25
N ARG A 270 11.94 9.63 -1.59
CA ARG A 270 11.71 9.60 -0.14
C ARG A 270 10.70 8.51 0.24
N ASP A 271 11.13 7.59 1.09
CA ASP A 271 10.26 6.53 1.61
C ASP A 271 9.77 5.60 0.51
N MET A 272 10.56 5.44 -0.55
CA MET A 272 10.11 4.64 -1.69
C MET A 272 10.13 3.15 -1.39
N TYR A 273 11.32 2.56 -1.35
CA TYR A 273 11.45 1.12 -1.11
C TYR A 273 12.26 0.86 0.15
N LEU B 1 -0.11 12.02 2.55
CA LEU B 1 0.78 11.57 1.48
C LEU B 1 1.00 12.67 0.44
N THR B 2 0.10 13.65 0.42
CA THR B 2 0.27 14.80 -0.48
C THR B 2 1.13 15.88 0.15
N GLU B 3 1.15 15.99 1.48
CA GLU B 3 2.10 16.87 2.13
C GLU B 3 3.54 16.45 1.81
N ARG B 4 3.78 15.14 1.70
CA ARG B 4 5.10 14.59 1.41
C ARG B 4 5.45 14.60 -0.07
N HIS B 5 4.54 15.05 -0.95
CA HIS B 5 4.79 15.11 -2.39
C HIS B 5 4.20 16.40 -2.95
N LYS B 6 4.75 17.54 -2.50
CA LYS B 6 4.17 18.83 -2.83
C LYS B 6 4.24 19.12 -4.33
N ILE B 7 5.40 18.89 -4.94
CA ILE B 7 5.58 19.25 -6.35
C ILE B 7 4.75 18.34 -7.24
N LEU B 8 4.88 17.03 -7.05
CA LEU B 8 4.03 16.08 -7.74
C LEU B 8 2.56 16.47 -7.61
N HIS B 9 2.14 16.80 -6.40
CA HIS B 9 0.75 17.19 -6.18
C HIS B 9 0.39 18.43 -6.99
N ARG B 10 1.31 19.39 -7.09
CA ARG B 10 1.05 20.59 -7.85
C ARG B 10 0.92 20.29 -9.34
N LEU B 11 1.83 19.48 -9.88
CA LEU B 11 1.74 19.10 -11.30
C LEU B 11 0.45 18.36 -11.58
N LEU B 12 -0.02 17.54 -10.65
CA LEU B 12 -1.24 16.78 -10.90
C LEU B 12 -2.45 17.67 -10.96
N GLN B 13 -2.48 18.75 -10.18
CA GLN B 13 -3.62 19.65 -10.18
C GLN B 13 -3.52 20.70 -11.27
N GLU B 14 -2.37 21.37 -11.35
CA GLU B 14 -2.00 22.28 -12.44
C GLU B 14 -3.13 22.63 -13.39
N LEU C 8 -0.48 -16.74 -7.56
CA LEU C 8 -1.90 -16.64 -7.86
C LEU C 8 -2.38 -15.21 -7.62
N LYS C 9 -1.82 -14.57 -6.59
CA LYS C 9 -1.93 -13.13 -6.39
C LYS C 9 -3.28 -12.70 -5.81
N SER C 10 -3.58 -11.40 -5.92
CA SER C 10 -4.86 -10.81 -5.56
C SER C 10 -5.02 -10.65 -4.05
N LEU C 11 -5.63 -11.64 -3.41
CA LEU C 11 -6.20 -11.57 -2.06
C LEU C 11 -5.54 -10.56 -1.13
N ALA C 12 -4.22 -10.69 -0.92
CA ALA C 12 -3.49 -9.91 0.07
C ALA C 12 -3.95 -8.45 0.16
N LYS C 13 -3.74 -7.68 -0.90
CA LYS C 13 -4.07 -6.25 -0.86
C LYS C 13 -5.56 -5.97 -0.97
N ARG C 14 -6.36 -6.91 -1.47
CA ARG C 14 -7.81 -6.73 -1.46
C ARG C 14 -8.35 -6.80 -0.04
N ILE C 15 -8.15 -7.94 0.64
CA ILE C 15 -8.53 -8.06 2.06
C ILE C 15 -8.02 -6.87 2.84
N TYR C 16 -6.82 -6.40 2.52
CA TYR C 16 -6.27 -5.21 3.16
C TYR C 16 -7.14 -3.98 2.91
N GLU C 17 -7.71 -3.87 1.69
CA GLU C 17 -8.56 -2.73 1.38
C GLU C 17 -9.87 -2.81 2.15
N ALA C 18 -10.51 -3.98 2.16
CA ALA C 18 -11.73 -4.13 2.95
C ALA C 18 -11.48 -3.82 4.42
N TYR C 19 -10.29 -4.16 4.91
CA TYR C 19 -9.94 -3.85 6.30
C TYR C 19 -9.85 -2.35 6.52
N LEU C 20 -9.16 -1.64 5.61
CA LEU C 20 -9.02 -0.20 5.76
C LEU C 20 -10.34 0.52 5.55
N LYS C 21 -11.22 0.00 4.71
CA LYS C 21 -12.47 0.70 4.45
C LYS C 21 -13.57 0.36 5.46
N ASN C 22 -13.37 -0.64 6.33
CA ASN C 22 -14.45 -1.03 7.24
C ASN C 22 -14.16 -0.78 8.71
N PHE C 23 -12.90 -0.57 9.09
CA PHE C 23 -12.55 -0.34 10.49
C PHE C 23 -12.16 1.12 10.68
N ASN C 24 -12.90 1.80 11.55
CA ASN C 24 -12.66 3.23 11.75
C ASN C 24 -11.28 3.48 12.34
N MET C 25 -10.85 2.61 13.25
CA MET C 25 -9.53 2.68 13.85
C MET C 25 -8.66 1.56 13.31
N ASN C 26 -7.39 1.86 13.05
CA ASN C 26 -6.44 0.84 12.62
C ASN C 26 -5.11 1.13 13.32
N LYS C 27 -4.12 0.26 13.07
CA LYS C 27 -2.89 0.35 13.83
C LYS C 27 -2.09 1.59 13.45
N VAL C 28 -2.04 1.92 12.15
CA VAL C 28 -1.31 3.12 11.74
C VAL C 28 -1.85 4.35 12.46
N LYS C 29 -3.17 4.54 12.40
CA LYS C 29 -3.79 5.66 13.11
C LYS C 29 -3.50 5.62 14.61
N ALA C 30 -3.64 4.45 15.22
CA ALA C 30 -3.46 4.37 16.67
C ALA C 30 -2.02 4.68 17.06
N ARG C 31 -1.04 4.17 16.32
CA ARG C 31 0.35 4.44 16.70
C ARG C 31 0.70 5.90 16.50
N VAL C 32 0.12 6.57 15.50
CA VAL C 32 0.36 8.01 15.36
C VAL C 32 -0.13 8.73 16.60
N ILE C 33 -1.34 8.39 17.06
CA ILE C 33 -1.91 9.01 18.25
C ILE C 33 -1.05 8.72 19.47
N LEU C 34 -0.75 7.44 19.70
CA LEU C 34 0.04 7.06 20.87
C LEU C 34 1.45 7.65 20.80
N SER C 35 2.00 7.83 19.61
CA SER C 35 3.33 8.39 19.49
C SER C 35 3.34 9.92 19.62
N GLY C 36 2.19 10.57 19.44
CA GLY C 36 2.12 12.01 19.54
C GLY C 36 3.02 12.75 18.57
N LYS C 37 3.31 12.16 17.41
CA LYS C 37 4.19 12.77 16.43
C LYS C 37 3.46 13.57 15.36
N ALA C 38 2.13 13.44 15.28
CA ALA C 38 1.35 14.22 14.33
C ALA C 38 0.62 15.40 14.98
N SER C 39 0.61 15.47 16.31
CA SER C 39 -0.15 16.50 17.00
C SER C 39 0.44 16.72 18.39
N ASN C 40 0.28 17.95 18.89
CA ASN C 40 0.56 18.28 20.27
C ASN C 40 -0.69 18.28 21.14
N ASN C 41 -1.82 17.82 20.61
CA ASN C 41 -3.10 17.76 21.31
C ASN C 41 -3.41 16.30 21.61
N PRO C 42 -2.97 15.77 22.74
CA PRO C 42 -3.14 14.33 23.00
C PRO C 42 -4.56 13.98 23.38
N PRO C 43 -4.91 12.69 23.35
CA PRO C 43 -6.25 12.28 23.82
C PRO C 43 -6.45 12.64 25.28
N PHE C 44 -7.72 12.82 25.64
CA PHE C 44 -8.08 13.07 27.04
C PHE C 44 -7.88 11.79 27.86
N VAL C 45 -7.25 11.91 29.02
CA VAL C 45 -6.79 10.76 29.77
C VAL C 45 -7.78 10.50 30.91
N ILE C 46 -8.41 9.33 30.86
CA ILE C 46 -9.27 8.85 31.93
C ILE C 46 -8.41 7.98 32.83
N HIS C 47 -7.98 8.54 33.98
CA HIS C 47 -7.13 7.82 34.91
C HIS C 47 -7.73 7.66 36.32
N ASP C 48 -8.91 8.24 36.57
CA ASP C 48 -9.52 8.17 37.89
C ASP C 48 -10.99 8.53 37.77
N MET C 49 -11.68 8.55 38.91
CA MET C 49 -13.11 8.81 38.88
C MET C 49 -13.41 10.22 38.41
N GLU C 50 -12.59 11.18 38.80
CA GLU C 50 -12.84 12.56 38.40
C GLU C 50 -12.82 12.72 36.88
N THR C 51 -11.76 12.19 36.23
CA THR C 51 -11.66 12.34 34.79
C THR C 51 -12.67 11.47 34.06
N LEU C 52 -13.02 10.30 34.61
CA LEU C 52 -14.11 9.51 34.03
C LEU C 52 -15.38 10.34 33.93
N CYS C 53 -15.75 11.02 35.02
CA CYS C 53 -16.97 11.82 34.99
C CYS C 53 -16.84 13.00 34.03
N MET C 54 -15.65 13.61 33.92
CA MET C 54 -15.47 14.63 32.91
C MET C 54 -15.83 14.07 31.53
N ALA C 55 -15.22 12.94 31.17
CA ALA C 55 -15.46 12.38 29.83
C ALA C 55 -16.92 12.01 29.64
N GLU C 56 -17.58 11.54 30.69
CA GLU C 56 -18.97 11.11 30.58
C GLU C 56 -19.91 12.29 30.32
N LYS C 57 -19.50 13.52 30.62
CA LYS C 57 -20.33 14.66 30.26
C LYS C 57 -20.48 14.80 28.75
N THR C 58 -19.52 14.28 27.99
CA THR C 58 -19.66 14.25 26.53
C THR C 58 -20.54 13.09 26.07
N LEU C 59 -20.58 12.00 26.84
CA LEU C 59 -21.33 10.81 26.48
C LEU C 59 -22.69 10.76 27.17
N VAL C 60 -23.14 11.87 27.76
CA VAL C 60 -24.33 11.91 28.59
C VAL C 60 -25.54 11.36 27.84
N ALA C 61 -25.48 11.39 26.50
CA ALA C 61 -26.57 10.85 25.70
C ALA C 61 -26.79 9.36 25.99
N LYS C 62 -25.73 8.55 25.85
CA LYS C 62 -25.84 7.13 26.15
C LYS C 62 -26.25 6.89 27.60
N LEU C 63 -25.45 7.40 28.54
CA LEU C 63 -25.67 7.09 29.95
C LEU C 63 -27.11 7.34 30.40
N VAL C 64 -27.80 8.30 29.78
CA VAL C 64 -29.19 8.54 30.13
C VAL C 64 -30.11 7.53 29.45
N ALA C 65 -29.91 7.30 28.16
CA ALA C 65 -30.81 6.45 27.38
C ALA C 65 -31.04 5.11 28.04
N ASN C 66 -30.00 4.53 28.64
CA ASN C 66 -30.08 3.21 29.23
C ASN C 66 -30.14 3.24 30.75
N GLY C 67 -30.45 4.40 31.33
CA GLY C 67 -30.75 4.52 32.75
C GLY C 67 -29.61 4.22 33.69
N ILE C 68 -28.39 4.13 33.16
CA ILE C 68 -27.23 3.80 33.98
C ILE C 68 -26.44 5.03 34.41
N GLN C 69 -26.92 6.23 34.09
CA GLN C 69 -26.23 7.44 34.56
C GLN C 69 -26.04 7.42 36.07
N ASN C 70 -26.99 6.84 36.81
CA ASN C 70 -26.90 6.76 38.26
C ASN C 70 -26.37 5.42 38.74
N LYS C 71 -25.80 4.61 37.85
CA LYS C 71 -25.27 3.32 38.24
C LYS C 71 -23.78 3.43 38.59
N GLU C 72 -23.25 2.36 39.18
CA GLU C 72 -21.84 2.32 39.54
C GLU C 72 -20.96 2.71 38.37
N ALA C 73 -19.87 3.42 38.66
CA ALA C 73 -18.89 3.74 37.63
C ALA C 73 -18.47 2.49 36.87
N GLU C 74 -18.26 1.37 37.58
CA GLU C 74 -17.87 0.14 36.90
C GLU C 74 -18.88 -0.23 35.83
N VAL C 75 -20.17 -0.08 36.13
CA VAL C 75 -21.21 -0.45 35.18
C VAL C 75 -21.22 0.49 33.97
N ARG C 76 -21.03 1.79 34.20
CA ARG C 76 -21.02 2.74 33.10
C ARG C 76 -19.84 2.50 32.16
N ILE C 77 -18.67 2.23 32.74
CA ILE C 77 -17.48 1.96 31.93
C ILE C 77 -17.75 0.83 30.94
N PHE C 78 -18.22 -0.30 31.43
CA PHE C 78 -18.37 -1.44 30.53
C PHE C 78 -19.66 -1.42 29.73
N HIS C 79 -20.62 -0.55 30.05
CA HIS C 79 -21.67 -0.26 29.08
C HIS C 79 -21.09 0.44 27.85
N CYS C 80 -20.19 1.40 28.05
CA CYS C 80 -19.53 2.03 26.92
C CYS C 80 -18.64 1.03 26.17
N CYS C 81 -17.89 0.20 26.89
CA CYS C 81 -17.08 -0.82 26.23
C CYS C 81 -17.94 -1.74 25.39
N GLN C 82 -19.15 -2.08 25.86
CA GLN C 82 -20.08 -2.84 25.05
C GLN C 82 -20.46 -2.10 23.78
N CYS C 83 -20.73 -0.80 23.89
CA CYS C 83 -21.03 -0.01 22.69
C CYS C 83 -19.93 -0.13 21.65
N THR C 84 -18.67 -0.08 22.08
CA THR C 84 -17.55 -0.23 21.15
C THR C 84 -17.56 -1.62 20.53
N SER C 85 -17.74 -2.67 21.34
CA SER C 85 -17.80 -4.03 20.81
C SER C 85 -18.89 -4.18 19.75
N VAL C 86 -20.08 -3.65 20.03
CA VAL C 86 -21.18 -3.72 19.06
C VAL C 86 -20.75 -3.08 17.74
N GLU C 87 -20.16 -1.88 17.80
CA GLU C 87 -19.69 -1.24 16.58
C GLU C 87 -18.66 -2.10 15.86
N THR C 88 -17.73 -2.73 16.60
CA THR C 88 -16.72 -3.56 15.96
C THR C 88 -17.32 -4.83 15.37
N VAL C 89 -18.29 -5.44 16.07
CA VAL C 89 -18.98 -6.59 15.48
C VAL C 89 -19.63 -6.19 14.17
N THR C 90 -20.26 -5.01 14.13
CA THR C 90 -20.92 -4.54 12.92
C THR C 90 -19.90 -4.35 11.80
N GLU C 91 -18.73 -3.79 12.11
CA GLU C 91 -17.71 -3.61 11.08
C GLU C 91 -17.14 -4.94 10.62
N LEU C 92 -16.96 -5.89 11.54
CA LEU C 92 -16.41 -7.19 11.17
C LEU C 92 -17.38 -7.94 10.25
N THR C 93 -18.68 -7.75 10.42
CA THR C 93 -19.63 -8.38 9.52
C THR C 93 -19.45 -7.85 8.10
N GLU C 94 -19.31 -6.54 7.96
CA GLU C 94 -19.05 -5.95 6.64
C GLU C 94 -17.69 -6.38 6.11
N PHE C 95 -16.67 -6.41 6.97
CA PHE C 95 -15.37 -6.94 6.55
C PHE C 95 -15.51 -8.38 6.06
N ALA C 96 -16.26 -9.21 6.80
CA ALA C 96 -16.41 -10.60 6.40
C ALA C 96 -17.10 -10.72 5.05
N LYS C 97 -18.12 -9.89 4.82
CA LYS C 97 -18.85 -9.92 3.56
C LYS C 97 -17.95 -9.60 2.38
N ALA C 98 -16.79 -8.99 2.61
CA ALA C 98 -15.86 -8.68 1.53
C ALA C 98 -14.77 -9.73 1.36
N ILE C 99 -14.70 -10.73 2.24
CA ILE C 99 -13.75 -11.82 2.05
C ILE C 99 -14.26 -12.69 0.91
N PRO C 100 -13.47 -12.89 -0.15
CA PRO C 100 -13.92 -13.73 -1.27
C PRO C 100 -14.37 -15.11 -0.81
N GLY C 101 -15.61 -15.47 -1.18
CA GLY C 101 -16.21 -16.73 -0.81
C GLY C 101 -17.22 -16.64 0.32
N PHE C 102 -17.04 -15.68 1.24
CA PHE C 102 -17.81 -15.69 2.47
C PHE C 102 -19.30 -15.46 2.21
N ALA C 103 -19.62 -14.45 1.40
CA ALA C 103 -21.03 -14.19 1.09
C ALA C 103 -21.68 -15.32 0.30
N ASN C 104 -20.89 -16.29 -0.18
CA ASN C 104 -21.42 -17.46 -0.86
C ASN C 104 -21.79 -18.60 0.10
N LEU C 105 -21.28 -18.59 1.32
CA LEU C 105 -21.54 -19.69 2.25
C LEU C 105 -22.99 -19.69 2.67
N ASP C 106 -23.46 -20.87 3.09
CA ASP C 106 -24.79 -20.96 3.67
C ASP C 106 -24.97 -19.88 4.74
N LEU C 107 -26.10 -19.20 4.70
CA LEU C 107 -26.34 -18.11 5.64
C LEU C 107 -26.11 -18.55 7.08
N ASN C 108 -26.53 -19.77 7.42
CA ASN C 108 -26.32 -20.27 8.78
C ASN C 108 -24.83 -20.39 9.10
N ASP C 109 -24.01 -20.78 8.11
CA ASP C 109 -22.58 -20.88 8.36
C ASP C 109 -21.93 -19.50 8.54
N GLN C 110 -22.43 -18.48 7.85
CA GLN C 110 -21.93 -17.13 8.07
C GLN C 110 -22.18 -16.69 9.51
N VAL C 111 -23.41 -16.86 10.01
CA VAL C 111 -23.71 -16.54 11.40
C VAL C 111 -22.74 -17.27 12.33
N THR C 112 -22.51 -18.56 12.08
CA THR C 112 -21.67 -19.36 12.98
C THR C 112 -20.23 -18.88 12.97
N LEU C 113 -19.68 -18.60 11.79
CA LEU C 113 -18.30 -18.12 11.72
C LEU C 113 -18.13 -16.80 12.48
N LEU C 114 -19.09 -15.88 12.32
CA LEU C 114 -19.02 -14.61 13.03
C LEU C 114 -19.24 -14.80 14.52
N LYS C 115 -20.20 -15.64 14.91
CA LYS C 115 -20.47 -15.86 16.33
C LYS C 115 -19.19 -16.22 17.08
N TYR C 116 -18.45 -17.20 16.58
CA TYR C 116 -17.25 -17.63 17.28
C TYR C 116 -16.04 -16.77 16.98
N GLY C 117 -16.04 -16.07 15.85
CA GLY C 117 -14.85 -15.36 15.41
C GLY C 117 -14.72 -13.91 15.87
N VAL C 118 -15.84 -13.20 16.04
CA VAL C 118 -15.75 -11.76 16.22
C VAL C 118 -14.93 -11.40 17.46
N TYR C 119 -15.13 -12.11 18.58
CA TYR C 119 -14.41 -11.72 19.78
C TYR C 119 -12.92 -12.08 19.71
N GLU C 120 -12.55 -13.11 18.96
CA GLU C 120 -11.12 -13.34 18.74
C GLU C 120 -10.52 -12.20 17.91
N ALA C 121 -11.25 -11.73 16.91
CA ALA C 121 -10.77 -10.61 16.11
C ALA C 121 -10.80 -9.32 16.92
N ILE C 122 -11.85 -9.12 17.72
CA ILE C 122 -11.91 -7.93 18.56
C ILE C 122 -10.66 -7.83 19.43
N PHE C 123 -10.32 -8.92 20.14
CA PHE C 123 -9.19 -8.84 21.06
C PHE C 123 -7.85 -8.77 20.33
N ALA C 124 -7.78 -9.31 19.11
CA ALA C 124 -6.55 -9.16 18.33
C ALA C 124 -6.36 -7.72 17.88
N MET C 125 -7.42 -7.11 17.34
CA MET C 125 -7.36 -5.73 16.89
C MET C 125 -7.27 -4.76 18.06
N LEU C 126 -7.86 -5.12 19.21
CA LEU C 126 -7.74 -4.25 20.39
C LEU C 126 -6.27 -3.96 20.73
N SER C 127 -5.38 -4.94 20.48
CA SER C 127 -3.96 -4.72 20.77
C SER C 127 -3.43 -3.48 20.05
N SER C 128 -3.99 -3.18 18.87
CA SER C 128 -3.54 -2.03 18.09
C SER C 128 -3.69 -0.72 18.87
N VAL C 129 -4.72 -0.62 19.72
CA VAL C 129 -4.98 0.62 20.44
C VAL C 129 -4.48 0.56 21.88
N MET C 130 -3.70 -0.45 22.23
CA MET C 130 -3.17 -0.61 23.57
C MET C 130 -1.66 -0.37 23.60
N ASN C 131 -1.18 0.26 24.66
CA ASN C 131 0.22 0.14 25.08
C ASN C 131 0.21 -0.36 26.52
N LYS C 132 1.39 -0.41 27.13
CA LYS C 132 1.49 -0.97 28.48
C LYS C 132 0.77 -0.13 29.53
N ASP C 133 0.43 1.12 29.22
CA ASP C 133 -0.16 1.99 30.22
C ASP C 133 -1.66 2.22 30.04
N GLY C 134 -2.26 1.82 28.91
CA GLY C 134 -3.67 2.05 28.72
C GLY C 134 -4.09 1.80 27.28
N MET C 135 -5.34 2.18 26.99
CA MET C 135 -5.90 1.93 25.67
C MET C 135 -6.68 3.13 25.19
N LEU C 136 -6.62 3.37 23.88
CA LEU C 136 -7.40 4.43 23.26
C LEU C 136 -8.88 4.06 23.26
N VAL C 137 -9.72 5.07 23.51
CA VAL C 137 -11.17 4.93 23.44
C VAL C 137 -11.72 6.09 22.63
N ALA C 138 -13.01 6.00 22.30
CA ALA C 138 -13.72 7.04 21.58
C ALA C 138 -12.97 7.46 20.31
N TYR C 139 -12.75 6.46 19.44
CA TYR C 139 -12.14 6.70 18.13
C TYR C 139 -10.80 7.42 18.28
N GLY C 140 -10.06 7.07 19.32
CA GLY C 140 -8.74 7.62 19.58
C GLY C 140 -8.72 8.94 20.31
N ASN C 141 -9.87 9.46 20.76
CA ASN C 141 -9.93 10.76 21.40
C ASN C 141 -9.72 10.70 22.91
N GLY C 142 -9.82 9.52 23.51
CA GLY C 142 -9.52 9.36 24.91
C GLY C 142 -8.55 8.21 25.14
N PHE C 143 -8.00 8.17 26.35
CA PHE C 143 -7.03 7.16 26.76
C PHE C 143 -7.37 6.75 28.20
N ILE C 144 -7.82 5.52 28.40
CA ILE C 144 -8.17 5.02 29.74
C ILE C 144 -7.03 4.15 30.24
N THR C 145 -6.50 4.49 31.41
CA THR C 145 -5.26 3.88 31.85
C THR C 145 -5.50 2.46 32.36
N ARG C 146 -4.46 1.63 32.19
CA ARG C 146 -4.51 0.26 32.66
C ARG C 146 -4.68 0.21 34.17
N GLU C 147 -3.99 1.10 34.88
CA GLU C 147 -4.07 1.10 36.34
C GLU C 147 -5.46 1.52 36.81
N PHE C 148 -6.10 2.46 36.12
CA PHE C 148 -7.47 2.81 36.49
C PHE C 148 -8.38 1.61 36.36
N LEU C 149 -8.25 0.85 35.26
CA LEU C 149 -9.08 -0.33 35.09
C LEU C 149 -8.81 -1.38 36.17
N LYS C 150 -7.54 -1.52 36.59
CA LYS C 150 -7.21 -2.45 37.66
C LYS C 150 -7.68 -1.95 39.03
N SER C 151 -7.89 -0.65 39.19
CA SER C 151 -8.35 -0.13 40.48
C SER C 151 -9.85 -0.33 40.70
N LEU C 152 -10.62 -0.66 39.66
CA LEU C 152 -12.04 -0.89 39.82
C LEU C 152 -12.29 -2.05 40.79
N ARG C 153 -13.52 -2.15 41.28
CA ARG C 153 -13.87 -3.26 42.17
C ARG C 153 -14.08 -4.54 41.38
N LYS C 154 -13.81 -5.68 42.02
CA LYS C 154 -14.09 -6.96 41.42
C LYS C 154 -15.59 -7.06 41.12
N PRO C 155 -15.98 -7.81 40.08
CA PRO C 155 -15.04 -8.49 39.17
C PRO C 155 -14.64 -7.62 37.97
N PHE C 156 -14.98 -6.33 38.01
CA PHE C 156 -14.79 -5.49 36.84
C PHE C 156 -13.32 -5.19 36.57
N CYS C 157 -12.49 -5.17 37.62
CA CYS C 157 -11.05 -5.00 37.41
C CYS C 157 -10.40 -6.21 36.74
N ASP C 158 -11.13 -7.32 36.59
CA ASP C 158 -10.60 -8.55 36.02
C ASP C 158 -10.89 -8.68 34.52
N ILE C 159 -11.60 -7.73 33.93
CA ILE C 159 -12.07 -7.90 32.56
C ILE C 159 -10.96 -7.59 31.57
N MET C 160 -10.37 -6.41 31.65
CA MET C 160 -9.44 -5.96 30.61
C MET C 160 -8.00 -6.42 30.82
N GLU C 161 -7.57 -6.60 32.06
CA GLU C 161 -6.16 -6.92 32.29
C GLU C 161 -5.67 -8.13 31.49
N PRO C 162 -6.40 -9.23 31.37
CA PRO C 162 -5.90 -10.32 30.51
C PRO C 162 -5.75 -9.91 29.04
N LYS C 163 -6.54 -8.93 28.58
CA LYS C 163 -6.40 -8.46 27.21
C LYS C 163 -5.18 -7.57 27.05
N PHE C 164 -4.84 -6.78 28.08
CA PHE C 164 -3.57 -6.08 28.06
C PHE C 164 -2.42 -7.07 28.02
N ASP C 165 -2.49 -8.12 28.84
CA ASP C 165 -1.42 -9.11 28.86
C ASP C 165 -1.24 -9.74 27.48
N PHE C 166 -2.35 -10.15 26.84
CA PHE C 166 -2.26 -10.66 25.48
C PHE C 166 -1.65 -9.64 24.53
N ALA C 167 -2.13 -8.38 24.61
CA ALA C 167 -1.76 -7.37 23.62
C ALA C 167 -0.27 -7.03 23.66
N MET C 168 0.32 -6.99 24.86
CA MET C 168 1.74 -6.63 24.97
C MET C 168 2.61 -7.63 24.22
N LYS C 169 2.37 -8.92 24.40
CA LYS C 169 3.13 -9.92 23.66
C LYS C 169 2.76 -9.92 22.19
N PHE C 170 1.50 -9.64 21.87
CA PHE C 170 1.09 -9.55 20.48
C PHE C 170 1.79 -8.38 19.79
N ASN C 171 1.76 -7.19 20.43
CA ASN C 171 2.37 -6.01 19.83
C ASN C 171 3.87 -6.19 19.67
N ALA C 172 4.50 -7.02 20.50
CA ALA C 172 5.93 -7.27 20.36
C ALA C 172 6.27 -7.95 19.03
N LEU C 173 5.28 -8.52 18.34
CA LEU C 173 5.47 -9.08 17.02
C LEU C 173 5.54 -8.02 15.91
N GLU C 174 5.25 -6.76 16.23
CA GLU C 174 5.41 -5.63 15.30
C GLU C 174 4.65 -5.87 13.99
N LEU C 175 3.45 -6.45 14.08
CA LEU C 175 2.60 -6.55 12.91
C LEU C 175 2.19 -5.14 12.43
N ASP C 176 1.89 -5.03 11.14
CA ASP C 176 1.27 -3.82 10.62
C ASP C 176 -0.11 -4.17 10.10
N ASP C 177 -0.80 -3.17 9.55
CA ASP C 177 -2.19 -3.36 9.15
C ASP C 177 -2.33 -4.39 8.04
N SER C 178 -1.40 -4.42 7.09
CA SER C 178 -1.48 -5.45 6.05
C SER C 178 -1.46 -6.85 6.66
N ASP C 179 -0.63 -7.06 7.69
CA ASP C 179 -0.58 -8.35 8.38
C ASP C 179 -1.88 -8.65 9.12
N ILE C 180 -2.37 -7.68 9.91
CA ILE C 180 -3.54 -7.91 10.75
C ILE C 180 -4.78 -8.20 9.92
N SER C 181 -4.89 -7.61 8.72
CA SER C 181 -6.07 -7.86 7.90
C SER C 181 -6.18 -9.35 7.56
N LEU C 182 -5.08 -9.95 7.12
CA LEU C 182 -5.08 -11.37 6.79
C LEU C 182 -5.25 -12.22 8.05
N PHE C 183 -4.63 -11.81 9.16
CA PHE C 183 -4.81 -12.52 10.42
C PHE C 183 -6.28 -12.56 10.81
N VAL C 184 -6.94 -11.41 10.79
CA VAL C 184 -8.36 -11.36 11.14
C VAL C 184 -9.18 -12.20 10.16
N ALA C 185 -8.87 -12.12 8.86
CA ALA C 185 -9.61 -12.93 7.91
C ALA C 185 -9.45 -14.41 8.22
N ALA C 186 -8.27 -14.81 8.73
CA ALA C 186 -8.05 -16.22 9.06
C ALA C 186 -8.83 -16.62 10.32
N ILE C 187 -8.92 -15.71 11.29
CA ILE C 187 -9.71 -15.98 12.48
C ILE C 187 -11.15 -16.28 12.11
N ILE C 188 -11.72 -15.49 11.21
CA ILE C 188 -13.14 -15.62 10.89
C ILE C 188 -13.42 -16.91 10.13
N CYS C 189 -12.50 -17.32 9.25
CA CYS C 189 -12.73 -18.48 8.39
C CYS C 189 -12.09 -19.75 8.97
N CYS C 190 -12.51 -20.09 10.19
CA CYS C 190 -12.04 -21.29 10.88
C CYS C 190 -13.00 -22.44 10.63
N GLY C 191 -12.50 -23.49 9.96
CA GLY C 191 -13.36 -24.60 9.57
C GLY C 191 -13.79 -25.52 10.70
N ASP C 192 -13.35 -25.28 11.93
CA ASP C 192 -13.65 -26.17 13.04
C ASP C 192 -14.55 -25.55 14.08
N ARG C 193 -15.32 -24.52 13.72
CA ARG C 193 -16.29 -24.00 14.65
C ARG C 193 -17.40 -25.02 14.85
N PRO C 194 -17.93 -25.15 16.08
CA PRO C 194 -19.01 -26.11 16.30
C PRO C 194 -20.26 -25.73 15.52
N GLY C 195 -20.90 -26.74 14.92
CA GLY C 195 -22.17 -26.54 14.24
C GLY C 195 -22.09 -26.11 12.79
N LEU C 196 -20.91 -26.16 12.17
CA LEU C 196 -20.80 -25.80 10.78
C LEU C 196 -21.50 -26.83 9.90
N LEU C 197 -22.07 -26.36 8.80
CA LEU C 197 -22.77 -27.23 7.86
C LEU C 197 -21.85 -27.75 6.75
N ASN C 198 -21.11 -26.86 6.10
CA ASN C 198 -20.22 -27.24 5.00
C ASN C 198 -18.77 -27.04 5.43
N VAL C 199 -18.29 -27.95 6.28
CA VAL C 199 -16.92 -27.89 6.74
C VAL C 199 -15.94 -27.91 5.57
N GLY C 200 -16.22 -28.76 4.57
CA GLY C 200 -15.28 -28.90 3.46
C GLY C 200 -15.06 -27.61 2.69
N HIS C 201 -16.14 -26.84 2.47
CA HIS C 201 -16.00 -25.59 1.72
C HIS C 201 -15.25 -24.54 2.52
N ILE C 202 -15.49 -24.48 3.84
CA ILE C 202 -14.85 -23.47 4.67
C ILE C 202 -13.37 -23.79 4.86
N GLU C 203 -13.03 -25.08 4.96
CA GLU C 203 -11.62 -25.46 5.08
C GLU C 203 -10.81 -25.00 3.88
N LYS C 204 -11.38 -25.12 2.67
CA LYS C 204 -10.66 -24.66 1.48
C LYS C 204 -10.49 -23.15 1.50
N MET C 205 -11.51 -22.43 1.94
CA MET C 205 -11.39 -20.98 2.10
C MET C 205 -10.24 -20.65 3.05
N GLN C 206 -10.25 -21.26 4.23
CA GLN C 206 -9.21 -20.98 5.22
C GLN C 206 -7.83 -21.27 4.66
N GLU C 207 -7.64 -22.47 4.09
CA GLU C 207 -6.34 -22.83 3.54
C GLU C 207 -5.83 -21.74 2.59
N GLY C 208 -6.70 -21.22 1.74
CA GLY C 208 -6.28 -20.15 0.84
C GLY C 208 -5.83 -18.91 1.59
N ILE C 209 -6.64 -18.46 2.56
CA ILE C 209 -6.26 -17.28 3.34
C ILE C 209 -4.99 -17.55 4.13
N VAL C 210 -4.88 -18.72 4.76
CA VAL C 210 -3.70 -19.04 5.56
C VAL C 210 -2.46 -19.13 4.70
N HIS C 211 -2.60 -19.59 3.46
CA HIS C 211 -1.45 -19.65 2.54
C HIS C 211 -0.98 -18.26 2.19
N VAL C 212 -1.91 -17.35 1.87
CA VAL C 212 -1.56 -15.96 1.60
C VAL C 212 -0.91 -15.34 2.83
N LEU C 213 -1.46 -15.62 4.01
CA LEU C 213 -0.89 -15.07 5.25
C LEU C 213 0.58 -15.48 5.40
N ARG C 214 0.86 -16.78 5.22
CA ARG C 214 2.25 -17.24 5.38
C ARG C 214 3.18 -16.52 4.42
N LEU C 215 2.82 -16.48 3.14
CA LEU C 215 3.72 -15.87 2.15
C LEU C 215 3.88 -14.37 2.40
N HIS C 216 2.79 -13.70 2.77
CA HIS C 216 2.86 -12.27 3.11
C HIS C 216 3.83 -12.03 4.27
N LEU C 217 3.68 -12.80 5.36
CA LEU C 217 4.57 -12.62 6.51
C LEU C 217 6.03 -12.89 6.13
N GLN C 218 6.27 -13.93 5.33
CA GLN C 218 7.64 -14.22 4.93
C GLN C 218 8.23 -13.10 4.09
N SER C 219 7.41 -12.47 3.24
CA SER C 219 7.89 -11.34 2.47
C SER C 219 7.97 -10.07 3.31
N ASN C 220 6.97 -9.83 4.16
CA ASN C 220 6.89 -8.57 4.89
C ASN C 220 7.81 -8.54 6.11
N HIS C 221 8.07 -9.70 6.72
CA HIS C 221 8.94 -9.79 7.90
C HIS C 221 9.98 -10.87 7.70
N PRO C 222 10.88 -10.71 6.72
CA PRO C 222 11.81 -11.80 6.40
C PRO C 222 12.72 -12.21 7.55
N ASP C 223 13.07 -11.28 8.44
CA ASP C 223 13.97 -11.63 9.54
C ASP C 223 13.31 -12.42 10.66
N ASP C 224 11.98 -12.28 10.85
CA ASP C 224 11.25 -13.03 11.88
C ASP C 224 10.78 -14.34 11.26
N ILE C 225 11.70 -15.31 11.23
CA ILE C 225 11.54 -16.48 10.36
C ILE C 225 10.30 -17.27 10.73
N PHE C 226 10.03 -17.41 12.01
CA PHE C 226 8.91 -18.21 12.48
C PHE C 226 7.71 -17.34 12.87
N LEU C 227 7.56 -16.17 12.25
CA LEU C 227 6.46 -15.27 12.59
C LEU C 227 5.11 -15.93 12.30
N PHE C 228 5.00 -16.62 11.16
CA PHE C 228 3.76 -17.32 10.84
C PHE C 228 3.42 -18.36 11.90
N PRO C 229 4.32 -19.27 12.30
CA PRO C 229 3.99 -20.19 13.40
C PRO C 229 3.66 -19.48 14.71
N LYS C 230 4.36 -18.39 15.04
CA LYS C 230 3.97 -17.61 16.22
C LYS C 230 2.53 -17.12 16.10
N LEU C 231 2.10 -16.71 14.89
CA LEU C 231 0.75 -16.20 14.73
C LEU C 231 -0.28 -17.31 14.80
N LEU C 232 0.06 -18.50 14.27
CA LEU C 232 -0.83 -19.64 14.46
C LEU C 232 -1.08 -19.89 15.93
N GLN C 233 -0.03 -19.79 16.74
CA GLN C 233 -0.16 -19.98 18.18
C GLN C 233 -1.02 -18.88 18.79
N LYS C 234 -0.86 -17.64 18.31
CA LYS C 234 -1.71 -16.56 18.81
C LYS C 234 -3.18 -16.82 18.52
N MET C 235 -3.48 -17.53 17.43
CA MET C 235 -4.88 -17.87 17.15
C MET C 235 -5.43 -18.79 18.21
N ALA C 236 -4.65 -19.81 18.62
CA ALA C 236 -5.09 -20.68 19.70
C ALA C 236 -5.20 -19.92 21.02
N ASP C 237 -4.26 -19.01 21.29
CA ASP C 237 -4.35 -18.20 22.50
C ASP C 237 -5.61 -17.35 22.50
N LEU C 238 -5.97 -16.76 21.35
CA LEU C 238 -7.18 -15.95 21.30
C LEU C 238 -8.44 -16.78 21.59
N ARG C 239 -8.52 -18.00 21.05
CA ARG C 239 -9.67 -18.85 21.34
C ARG C 239 -9.81 -19.10 22.82
N GLN C 240 -8.70 -19.42 23.49
CA GLN C 240 -8.74 -19.60 24.94
C GLN C 240 -9.09 -18.31 25.66
N LEU C 241 -8.45 -17.19 25.26
CA LEU C 241 -8.78 -15.89 25.86
C LEU C 241 -10.27 -15.61 25.79
N VAL C 242 -10.91 -15.88 24.65
CA VAL C 242 -12.33 -15.59 24.48
C VAL C 242 -13.17 -16.57 25.30
N THR C 243 -12.76 -17.83 25.37
CA THR C 243 -13.48 -18.79 26.22
C THR C 243 -13.54 -18.29 27.66
N GLU C 244 -12.40 -17.86 28.20
CA GLU C 244 -12.37 -17.34 29.55
C GLU C 244 -13.18 -16.05 29.66
N HIS C 245 -13.12 -15.20 28.64
CA HIS C 245 -13.89 -13.95 28.69
C HIS C 245 -15.38 -14.24 28.74
N ALA C 246 -15.85 -15.14 27.86
CA ALA C 246 -17.26 -15.53 27.87
C ALA C 246 -17.68 -16.03 29.25
N GLN C 247 -16.84 -16.87 29.88
CA GLN C 247 -17.18 -17.39 31.20
C GLN C 247 -17.27 -16.26 32.23
N LEU C 248 -16.39 -15.26 32.13
CA LEU C 248 -16.49 -14.11 33.04
C LEU C 248 -17.76 -13.31 32.76
N VAL C 249 -18.14 -13.14 31.50
CA VAL C 249 -19.34 -12.39 31.17
C VAL C 249 -20.57 -13.08 31.76
N GLN C 250 -20.60 -14.41 31.73
CA GLN C 250 -21.70 -15.16 32.34
C GLN C 250 -21.77 -14.92 33.85
N ILE C 251 -20.61 -14.95 34.52
CA ILE C 251 -20.58 -14.68 35.96
C ILE C 251 -21.15 -13.31 36.27
N ILE C 252 -20.72 -12.29 35.51
CA ILE C 252 -21.18 -10.93 35.78
C ILE C 252 -22.68 -10.81 35.53
N LYS C 253 -23.17 -11.44 34.47
CA LYS C 253 -24.59 -11.41 34.18
C LYS C 253 -25.42 -11.95 35.34
N LYS C 254 -24.93 -13.01 36.00
CA LYS C 254 -25.69 -13.68 37.04
C LYS C 254 -25.54 -13.05 38.41
N THR C 255 -24.50 -12.24 38.63
CA THR C 255 -24.21 -11.70 39.95
C THR C 255 -24.30 -10.19 40.01
N GLU C 256 -24.54 -9.50 38.90
CA GLU C 256 -24.56 -8.04 38.85
C GLU C 256 -25.91 -7.62 38.23
N SER C 257 -26.84 -7.20 39.09
CA SER C 257 -28.18 -6.84 38.60
C SER C 257 -28.14 -5.67 37.63
N ASP C 258 -27.22 -4.71 37.85
CA ASP C 258 -27.15 -3.51 37.03
C ASP C 258 -26.42 -3.71 35.70
N ALA C 259 -25.77 -4.84 35.49
CA ALA C 259 -25.01 -5.08 34.27
C ALA C 259 -25.95 -5.68 33.24
N ALA C 260 -26.22 -4.93 32.17
CA ALA C 260 -27.07 -5.38 31.08
C ALA C 260 -26.22 -5.65 29.86
N LEU C 261 -26.52 -6.74 29.17
CA LEU C 261 -25.83 -7.11 27.95
C LEU C 261 -26.61 -6.59 26.74
N HIS C 262 -25.91 -5.89 25.85
CA HIS C 262 -26.53 -5.42 24.62
C HIS C 262 -27.15 -6.60 23.87
N PRO C 263 -28.29 -6.41 23.20
CA PRO C 263 -28.92 -7.55 22.50
C PRO C 263 -28.01 -8.26 21.51
N LEU C 264 -27.23 -7.50 20.73
CA LEU C 264 -26.33 -8.16 19.79
C LEU C 264 -25.33 -9.04 20.51
N LEU C 265 -24.72 -8.53 21.59
CA LEU C 265 -23.74 -9.35 22.31
C LEU C 265 -24.41 -10.52 23.03
N GLN C 266 -25.68 -10.34 23.44
CA GLN C 266 -26.46 -11.44 24.00
C GLN C 266 -26.55 -12.61 23.02
N GLU C 267 -26.90 -12.32 21.75
CA GLU C 267 -26.96 -13.38 20.74
C GLU C 267 -25.63 -14.09 20.58
N ILE C 268 -24.53 -13.32 20.55
CA ILE C 268 -23.24 -13.92 20.30
C ILE C 268 -22.84 -14.86 21.43
N TYR C 269 -23.01 -14.41 22.68
CA TYR C 269 -22.54 -15.21 23.80
C TYR C 269 -23.42 -16.42 24.10
N ARG C 270 -24.70 -16.38 23.72
CA ARG C 270 -25.65 -17.42 24.10
C ARG C 270 -25.29 -18.76 23.45
N ASP C 271 -25.07 -19.78 24.28
CA ASP C 271 -24.77 -21.14 23.78
C ASP C 271 -23.46 -21.16 23.00
N MET C 272 -22.48 -20.40 23.47
CA MET C 272 -21.22 -20.29 22.74
C MET C 272 -20.25 -21.42 23.09
N TYR C 273 -19.80 -21.47 24.34
CA TYR C 273 -18.90 -22.53 24.77
C TYR C 273 -19.49 -23.29 25.96
N ARG D 4 -32.62 -17.58 15.98
CA ARG D 4 -31.79 -17.60 17.18
C ARG D 4 -30.73 -16.50 17.18
N HIS D 5 -30.44 -15.94 16.01
CA HIS D 5 -29.49 -14.83 15.86
C HIS D 5 -30.09 -13.76 14.95
N LYS D 6 -31.26 -13.25 15.34
CA LYS D 6 -32.00 -12.34 14.47
C LYS D 6 -31.18 -11.13 14.06
N ILE D 7 -30.48 -10.52 15.02
CA ILE D 7 -29.74 -9.30 14.72
C ILE D 7 -28.57 -9.60 13.79
N LEU D 8 -27.78 -10.62 14.13
CA LEU D 8 -26.66 -11.01 13.28
C LEU D 8 -27.14 -11.40 11.89
N HIS D 9 -28.29 -12.09 11.83
CA HIS D 9 -28.91 -12.44 10.55
C HIS D 9 -29.27 -11.20 9.75
N ARG D 10 -29.84 -10.20 10.42
CA ARG D 10 -30.18 -8.94 9.77
C ARG D 10 -28.94 -8.26 9.19
N LEU D 11 -27.91 -8.10 10.03
CA LEU D 11 -26.67 -7.46 9.57
C LEU D 11 -26.06 -8.20 8.38
N LEU D 12 -26.18 -9.52 8.34
CA LEU D 12 -25.62 -10.28 7.22
C LEU D 12 -26.39 -10.09 5.92
N GLN D 13 -27.56 -9.47 5.95
CA GLN D 13 -28.35 -9.26 4.74
C GLN D 13 -28.30 -7.83 4.21
N GLU D 14 -27.85 -6.87 5.01
CA GLU D 14 -27.74 -5.48 4.57
C GLU D 14 -26.93 -5.34 3.28
#